data_2PTY
#
_entry.id   2PTY
#
_cell.length_a   73.991
_cell.length_b   110.724
_cell.length_c   109.304
_cell.angle_alpha   90.00
_cell.angle_beta   90.00
_cell.angle_gamma   90.00
#
_symmetry.space_group_name_H-M   'C 2 2 21'
#
loop_
_entity.id
_entity.type
_entity.pdbx_description
1 polymer Enolase
2 non-polymer 'ZINC ION'
3 non-polymer PHOSPHOENOLPYRUVATE
4 non-polymer 1,2-ETHANEDIOL
5 water water
#
_entity_poly.entity_id   1
_entity_poly.type   'polypeptide(L)'
_entity_poly.pdbx_seq_one_letter_code
;GSHMTIQKVHGREVLDSRGNPTVEVEVTTEKGVFRSAVPSGASTGVYEACELRDGDKKRYVGKGCLQAVKNVNEVIGPAL
IGRDELKQEELDTLMLRLDGTPNKGKLGANAILGCSMAISKAAAAAKGVPLYRYLASLAGTKELRLPVPCFNVINGGKHA
GNALPFQEFMIAPVKATSFSEALRMGSEVYHSLRGIIKKKYGQDAVNVGDEGGFAPPIKDINEPLPILMEAIEEAGHRGK
FAICMDCAASETYDEKKQQYNLTFKSPEPTWVTAEQLRETYCKWAHDYPIVSIEDPYDQDDFAGFAGITEALKGKTQIVG
DDLTVTNTERIKMAIEKKACNSLLLKINQIGTISEAIASSKLCMENGWSVMVSHRSGETEDTYIADLVVALGSGQIKTGA
PCRGERTAKLNQLLRIEEELGAHAKFGFPGWS
;
_entity_poly.pdbx_strand_id   A
#
loop_
_chem_comp.id
_chem_comp.type
_chem_comp.name
_chem_comp.formula
EDO non-polymer 1,2-ETHANEDIOL 'C2 H6 O2'
PEP non-polymer PHOSPHOENOLPYRUVATE 'C3 H5 O6 P'
ZN non-polymer 'ZINC ION' 'Zn 2'
#
# COMPACT_ATOMS: atom_id res chain seq x y z
N SER A 2 -17.20 -8.11 32.30
CA SER A 2 -16.64 -9.43 32.71
C SER A 2 -16.78 -10.46 31.58
N HIS A 3 -17.94 -10.43 30.94
CA HIS A 3 -18.25 -11.22 29.74
C HIS A 3 -17.85 -10.39 28.50
N MET A 4 -17.06 -9.34 28.75
CA MET A 4 -16.59 -8.45 27.69
C MET A 4 -15.19 -8.81 27.13
N THR A 5 -14.91 -10.09 26.99
CA THR A 5 -13.62 -10.52 26.45
C THR A 5 -13.74 -11.24 25.09
N ILE A 6 -12.59 -11.62 24.53
CA ILE A 6 -12.54 -12.38 23.28
C ILE A 6 -13.07 -13.80 23.57
N GLN A 7 -14.09 -14.18 22.80
CA GLN A 7 -14.82 -15.44 22.98
C GLN A 7 -14.31 -16.54 22.07
N LYS A 8 -13.92 -16.17 20.86
CA LYS A 8 -13.54 -17.11 19.80
C LYS A 8 -12.55 -16.43 18.85
N VAL A 9 -11.57 -17.19 18.39
CA VAL A 9 -10.68 -16.76 17.33
C VAL A 9 -10.63 -17.92 16.28
N HIS A 10 -10.88 -17.60 15.01
CA HIS A 10 -10.90 -18.57 13.93
C HIS A 10 -10.31 -18.01 12.62
N GLY A 11 -9.36 -18.77 12.06
CA GLY A 11 -8.73 -18.45 10.80
C GLY A 11 -9.26 -19.37 9.69
N ARG A 12 -9.25 -18.83 8.47
CA ARG A 12 -9.49 -19.61 7.27
C ARG A 12 -8.70 -19.06 6.08
N GLU A 13 -8.50 -19.95 5.13
CA GLU A 13 -7.92 -19.72 3.87
C GLU A 13 -9.03 -19.14 2.95
N VAL A 14 -8.75 -17.95 2.44
CA VAL A 14 -9.58 -17.33 1.43
C VAL A 14 -8.71 -16.96 0.20
N LEU A 15 -9.37 -16.56 -0.89
CA LEU A 15 -8.67 -16.12 -2.09
C LEU A 15 -8.49 -14.62 -2.12
N ASP A 16 -7.33 -14.24 -2.63
CA ASP A 16 -7.07 -12.83 -2.92
C ASP A 16 -7.48 -12.51 -4.39
N SER A 17 -7.31 -11.25 -4.78
CA SER A 17 -7.73 -10.70 -6.08
C SER A 17 -6.99 -11.23 -7.33
N ARG A 18 -5.86 -11.90 -7.10
CA ARG A 18 -5.16 -12.65 -8.12
C ARG A 18 -5.59 -14.12 -8.07
N GLY A 19 -6.49 -14.49 -7.17
CA GLY A 19 -6.85 -15.89 -7.02
C GLY A 19 -5.86 -16.77 -6.22
N ASN A 20 -4.97 -16.14 -5.45
CA ASN A 20 -4.07 -16.90 -4.59
C ASN A 20 -4.60 -16.94 -3.16
N PRO A 21 -4.35 -18.06 -2.42
CA PRO A 21 -4.79 -18.16 -1.01
C PRO A 21 -4.16 -17.09 -0.15
N THR A 22 -4.94 -16.64 0.83
CA THR A 22 -4.48 -15.77 1.88
C THR A 22 -5.21 -16.14 3.18
N VAL A 23 -4.89 -15.45 4.24
CA VAL A 23 -5.42 -15.71 5.56
C VAL A 23 -6.49 -14.65 5.90
N GLU A 24 -7.59 -15.13 6.44
CA GLU A 24 -8.58 -14.28 7.06
C GLU A 24 -8.82 -14.76 8.50
N VAL A 25 -9.06 -13.80 9.40
CA VAL A 25 -9.27 -14.12 10.82
C VAL A 25 -10.59 -13.49 11.32
N GLU A 26 -11.36 -14.23 12.10
CA GLU A 26 -12.53 -13.68 12.81
C GLU A 26 -12.29 -13.72 14.30
N VAL A 27 -12.47 -12.56 14.96
CA VAL A 27 -12.46 -12.49 16.42
C VAL A 27 -13.93 -12.33 16.81
N THR A 28 -14.46 -13.23 17.63
CA THR A 28 -15.86 -13.16 18.05
C THR A 28 -15.87 -12.60 19.47
N THR A 29 -16.69 -11.58 19.72
CA THR A 29 -16.99 -11.16 21.09
C THR A 29 -18.50 -11.10 21.23
N GLU A 30 -18.94 -10.67 22.40
CA GLU A 30 -20.35 -10.47 22.60
C GLU A 30 -20.91 -9.39 21.66
N LYS A 31 -20.04 -8.50 21.17
CA LYS A 31 -20.46 -7.41 20.28
C LYS A 31 -20.53 -7.81 18.82
N GLY A 32 -20.04 -9.00 18.47
CA GLY A 32 -20.16 -9.48 17.11
C GLY A 32 -19.01 -10.33 16.61
N VAL A 33 -18.95 -10.48 15.29
CA VAL A 33 -17.91 -11.24 14.62
C VAL A 33 -17.09 -10.24 13.80
N PHE A 34 -15.81 -10.10 14.12
CA PHE A 34 -14.91 -9.06 13.51
C PHE A 34 -13.86 -9.67 12.62
N ARG A 35 -13.90 -9.33 11.33
CA ARG A 35 -13.24 -10.12 10.29
C ARG A 35 -12.28 -9.28 9.52
N SER A 36 -11.06 -9.80 9.34
CA SER A 36 -9.93 -9.08 8.80
C SER A 36 -9.16 -10.06 7.94
N ALA A 37 -8.89 -9.71 6.67
CA ALA A 37 -8.12 -10.54 5.76
C ALA A 37 -6.76 -9.92 5.47
N VAL A 38 -5.76 -10.75 5.17
CA VAL A 38 -4.38 -10.30 4.98
C VAL A 38 -4.05 -10.14 3.49
N PRO A 39 -3.45 -9.00 3.11
CA PRO A 39 -3.10 -8.84 1.69
C PRO A 39 -1.75 -9.51 1.40
N SER A 40 -1.35 -9.52 0.12
CA SER A 40 -0.10 -10.12 -0.34
C SER A 40 0.54 -9.39 -1.53
N GLY A 41 1.83 -9.10 -1.40
CA GLY A 41 2.57 -8.43 -2.47
C GLY A 41 3.11 -9.39 -3.51
N ALA A 42 3.41 -8.84 -4.69
CA ALA A 42 4.14 -9.51 -5.74
C ALA A 42 5.59 -8.99 -5.78
N SER A 43 5.74 -7.66 -5.77
CA SER A 43 7.07 -7.06 -5.72
C SER A 43 7.43 -6.80 -4.26
N THR A 44 7.80 -7.88 -3.56
CA THR A 44 8.02 -7.87 -2.10
C THR A 44 9.50 -7.57 -1.78
N GLY A 45 9.74 -6.56 -0.92
CA GLY A 45 11.08 -6.32 -0.43
C GLY A 45 11.60 -7.50 0.36
N VAL A 46 12.90 -7.70 0.31
CA VAL A 46 13.60 -8.80 1.00
C VAL A 46 13.54 -8.63 2.51
N TYR A 47 13.28 -7.39 2.95
CA TYR A 47 13.21 -7.08 4.37
C TYR A 47 11.77 -7.17 4.94
N GLU A 48 10.81 -7.61 4.12
CA GLU A 48 9.46 -7.83 4.61
C GLU A 48 9.37 -8.98 5.61
N ALA A 49 8.50 -8.79 6.60
CA ALA A 49 8.18 -9.82 7.61
C ALA A 49 7.71 -11.06 6.84
N CYS A 50 7.90 -12.20 7.45
CA CYS A 50 7.59 -13.47 6.78
C CYS A 50 6.12 -13.70 6.40
N GLU A 51 5.86 -13.88 5.11
CA GLU A 51 4.58 -14.39 4.60
C GLU A 51 4.72 -15.90 4.48
N LEU A 52 3.96 -16.61 5.30
CA LEU A 52 4.18 -18.03 5.44
C LEU A 52 3.24 -18.81 4.48
N ARG A 53 3.86 -19.55 3.56
CA ARG A 53 3.17 -20.42 2.58
C ARG A 53 3.51 -21.87 2.85
N ASP A 54 2.65 -22.78 2.35
CA ASP A 54 2.74 -24.19 2.67
C ASP A 54 3.81 -24.91 1.84
N GLY A 55 3.99 -24.52 0.58
CA GLY A 55 4.91 -25.21 -0.34
C GLY A 55 4.46 -26.60 -0.79
N ASP A 56 3.16 -26.87 -0.70
CA ASP A 56 2.61 -28.13 -1.21
C ASP A 56 2.26 -27.90 -2.67
N LYS A 57 3.04 -28.53 -3.55
CA LYS A 57 2.90 -28.30 -4.97
C LYS A 57 1.57 -28.86 -5.48
N LYS A 58 0.97 -29.75 -4.69
CA LYS A 58 -0.39 -30.24 -4.96
C LYS A 58 -1.57 -29.30 -4.63
N ARG A 59 -1.34 -28.22 -3.89
CA ARG A 59 -2.40 -27.22 -3.66
C ARG A 59 -1.89 -25.86 -4.08
N TYR A 60 -2.57 -25.25 -5.05
CA TYR A 60 -2.23 -23.91 -5.49
C TYR A 60 -0.75 -23.74 -5.80
N VAL A 61 -0.17 -24.74 -6.47
CA VAL A 61 1.29 -24.85 -6.72
C VAL A 61 2.13 -24.21 -5.61
N GLY A 62 2.00 -24.77 -4.40
CA GLY A 62 2.77 -24.34 -3.23
C GLY A 62 2.36 -23.10 -2.46
N LYS A 63 1.27 -22.45 -2.88
CA LYS A 63 0.87 -21.19 -2.29
C LYS A 63 -0.22 -21.22 -1.18
N GLY A 64 -0.57 -22.41 -0.71
CA GLY A 64 -1.58 -22.55 0.33
C GLY A 64 -1.16 -21.84 1.61
N CYS A 65 -2.14 -21.45 2.42
CA CYS A 65 -1.90 -20.78 3.71
C CYS A 65 -2.49 -21.56 4.88
N LEU A 66 -2.61 -22.87 4.67
CA LEU A 66 -3.07 -23.79 5.70
C LEU A 66 -2.21 -23.77 6.97
N GLN A 67 -0.88 -23.71 6.82
CA GLN A 67 -0.03 -23.63 7.98
C GLN A 67 -0.24 -22.33 8.76
N ALA A 68 -0.32 -21.18 8.07
CA ALA A 68 -0.60 -19.94 8.77
C ALA A 68 -1.96 -19.99 9.46
N VAL A 69 -2.96 -20.57 8.78
CA VAL A 69 -4.31 -20.69 9.36
C VAL A 69 -4.30 -21.56 10.66
N LYS A 70 -3.51 -22.66 10.63
CA LYS A 70 -3.36 -23.61 11.72
C LYS A 70 -2.74 -22.88 12.93
N ASN A 71 -1.76 -22.03 12.65
CA ASN A 71 -1.10 -21.22 13.68
C ASN A 71 -2.04 -20.23 14.38
N VAL A 72 -2.89 -19.55 13.60
CA VAL A 72 -4.06 -18.85 14.14
C VAL A 72 -4.94 -19.76 14.99
N ASN A 73 -5.35 -20.89 14.42
CA ASN A 73 -6.34 -21.72 15.10
C ASN A 73 -5.84 -22.47 16.32
N GLU A 74 -4.57 -22.86 16.34
CA GLU A 74 -4.08 -23.73 17.38
C GLU A 74 -3.08 -23.08 18.31
N VAL A 75 -2.55 -21.95 17.90
CA VAL A 75 -1.52 -21.34 18.74
C VAL A 75 -2.00 -19.97 19.22
N ILE A 76 -2.34 -19.11 18.26
CA ILE A 76 -2.60 -17.73 18.62
C ILE A 76 -4.00 -17.59 19.24
N GLY A 77 -4.98 -18.19 18.57
CA GLY A 77 -6.39 -18.18 19.01
C GLY A 77 -6.57 -18.56 20.47
N PRO A 78 -6.14 -19.79 20.85
CA PRO A 78 -6.27 -20.27 22.22
C PRO A 78 -5.66 -19.30 23.27
N ALA A 79 -4.61 -18.57 22.90
CA ALA A 79 -3.95 -17.57 23.76
C ALA A 79 -4.73 -16.26 23.91
N LEU A 80 -5.56 -15.94 22.94
CA LEU A 80 -6.34 -14.74 23.00
C LEU A 80 -7.72 -14.87 23.67
N ILE A 81 -8.28 -16.09 23.74
CA ILE A 81 -9.59 -16.35 24.37
C ILE A 81 -9.55 -15.88 25.82
N GLY A 82 -10.51 -15.01 26.18
CA GLY A 82 -10.67 -14.54 27.55
C GLY A 82 -9.88 -13.28 27.80
N ARG A 83 -9.16 -12.80 26.79
CA ARG A 83 -8.37 -11.58 26.85
C ARG A 83 -9.15 -10.31 26.44
N ASP A 84 -8.75 -9.20 27.04
CA ASP A 84 -9.36 -7.90 26.84
C ASP A 84 -8.83 -7.32 25.53
N GLU A 85 -9.70 -7.35 24.51
CA GLU A 85 -9.39 -6.85 23.14
C GLU A 85 -8.98 -5.37 23.09
N LEU A 86 -9.40 -4.58 24.07
CA LEU A 86 -8.94 -3.18 24.21
C LEU A 86 -7.43 -3.02 24.34
N LYS A 87 -6.74 -4.03 24.91
CA LYS A 87 -5.30 -3.94 25.11
C LYS A 87 -4.53 -4.25 23.82
N GLN A 88 -4.60 -3.35 22.84
CA GLN A 88 -3.94 -3.58 21.53
C GLN A 88 -2.43 -3.87 21.64
N GLU A 89 -1.71 -3.02 22.35
CA GLU A 89 -0.27 -3.16 22.43
C GLU A 89 0.16 -4.40 23.18
N GLU A 90 -0.51 -4.65 24.30
CA GLU A 90 -0.34 -5.86 25.10
C GLU A 90 -0.59 -7.13 24.26
N LEU A 91 -1.66 -7.15 23.48
CA LEU A 91 -1.93 -8.32 22.67
C LEU A 91 -0.99 -8.49 21.48
N ASP A 92 -0.78 -7.44 20.72
CA ASP A 92 0.29 -7.41 19.73
C ASP A 92 1.64 -7.87 20.28
N THR A 93 2.05 -7.37 21.44
CA THR A 93 3.30 -7.83 22.05
C THR A 93 3.29 -9.30 22.47
N LEU A 94 2.17 -9.79 23.02
CA LEU A 94 2.01 -11.23 23.27
C LEU A 94 2.31 -12.08 21.99
N MET A 95 1.73 -11.66 20.88
CA MET A 95 1.85 -12.35 19.61
C MET A 95 3.28 -12.32 19.06
N LEU A 96 3.96 -11.19 19.23
CA LEU A 96 5.40 -11.10 18.92
C LEU A 96 6.22 -12.11 19.72
N ARG A 97 5.98 -12.15 21.03
CA ARG A 97 6.67 -13.08 21.92
C ARG A 97 6.31 -14.52 21.65
N LEU A 98 5.05 -14.79 21.27
CA LEU A 98 4.61 -16.13 20.89
C LEU A 98 5.36 -16.65 19.67
N ASP A 99 5.58 -15.72 18.73
CA ASP A 99 6.50 -15.94 17.61
C ASP A 99 7.97 -16.06 18.04
N GLY A 100 8.50 -15.03 18.70
CA GLY A 100 9.84 -15.17 19.23
C GLY A 100 10.97 -14.93 18.26
N THR A 101 10.65 -14.63 17.00
CA THR A 101 11.65 -14.33 15.95
C THR A 101 11.47 -12.93 15.33
N PRO A 102 12.59 -12.34 14.85
CA PRO A 102 12.61 -10.98 14.36
C PRO A 102 11.71 -10.78 13.16
N ASN A 103 11.55 -11.80 12.31
CA ASN A 103 10.81 -11.66 11.05
C ASN A 103 9.42 -12.28 11.05
N LYS A 104 8.94 -12.70 12.23
CA LYS A 104 7.71 -13.47 12.35
C LYS A 104 7.70 -14.74 11.49
N GLY A 105 8.85 -15.42 11.47
CA GLY A 105 9.06 -16.58 10.63
C GLY A 105 8.56 -17.87 11.24
N LYS A 106 8.26 -17.88 12.56
CA LYS A 106 7.70 -19.07 13.18
C LYS A 106 6.21 -19.26 12.89
N LEU A 107 5.44 -18.26 13.26
CA LEU A 107 3.99 -18.23 13.16
C LEU A 107 3.52 -17.68 11.84
N GLY A 108 4.31 -16.77 11.26
CA GLY A 108 3.93 -16.03 10.06
C GLY A 108 3.33 -14.67 10.36
N ALA A 109 3.88 -13.61 9.75
CA ALA A 109 3.24 -12.29 9.72
C ALA A 109 1.79 -12.38 9.21
N ASN A 110 1.53 -13.28 8.26
CA ASN A 110 0.15 -13.46 7.77
C ASN A 110 -0.80 -14.09 8.81
N ALA A 111 -0.29 -14.86 9.76
CA ALA A 111 -1.14 -15.41 10.83
C ALA A 111 -1.38 -14.33 11.87
N ILE A 112 -0.30 -13.64 12.24
CA ILE A 112 -0.36 -12.61 13.26
C ILE A 112 -1.18 -11.36 12.89
N LEU A 113 -0.96 -10.84 11.68
CA LEU A 113 -1.57 -9.61 11.23
C LEU A 113 -3.08 -9.69 11.25
N GLY A 114 -3.68 -10.77 10.73
CA GLY A 114 -5.13 -10.76 10.75
C GLY A 114 -5.72 -10.75 12.15
N CYS A 115 -5.03 -11.40 13.10
CA CYS A 115 -5.40 -11.35 14.54
C CYS A 115 -5.31 -9.95 15.08
N SER A 116 -4.18 -9.29 14.86
CA SER A 116 -3.96 -7.87 15.21
C SER A 116 -5.08 -6.93 14.76
N MET A 117 -5.36 -6.96 13.47
CA MET A 117 -6.40 -6.21 12.81
C MET A 117 -7.79 -6.43 13.42
N ALA A 118 -8.21 -7.71 13.47
CA ALA A 118 -9.53 -8.11 13.98
C ALA A 118 -9.72 -7.78 15.47
N ILE A 119 -8.66 -7.93 16.26
CA ILE A 119 -8.65 -7.46 17.66
C ILE A 119 -9.03 -5.99 17.68
N SER A 120 -8.45 -5.16 16.81
CA SER A 120 -8.71 -3.70 16.87
C SER A 120 -10.16 -3.40 16.45
N LYS A 121 -10.73 -4.20 15.55
CA LYS A 121 -12.15 -4.04 15.17
C LYS A 121 -13.07 -4.36 16.34
N ALA A 122 -12.78 -5.45 17.05
CA ALA A 122 -13.54 -5.89 18.21
C ALA A 122 -13.47 -4.85 19.30
N ALA A 123 -12.28 -4.28 19.49
CA ALA A 123 -12.07 -3.19 20.43
C ALA A 123 -12.85 -1.91 20.08
N ALA A 124 -12.70 -1.41 18.85
CA ALA A 124 -13.52 -0.25 18.39
C ALA A 124 -14.99 -0.43 18.75
N ALA A 125 -15.52 -1.62 18.43
CA ALA A 125 -16.89 -2.00 18.79
C ALA A 125 -17.16 -1.94 20.31
N ALA A 126 -16.21 -2.43 21.12
CA ALA A 126 -16.34 -2.34 22.60
C ALA A 126 -16.34 -0.91 23.10
N LYS A 127 -15.53 -0.07 22.46
CA LYS A 127 -15.50 1.36 22.75
C LYS A 127 -16.77 2.10 22.20
N GLY A 128 -17.52 1.47 21.30
CA GLY A 128 -18.66 2.10 20.66
C GLY A 128 -18.35 3.19 19.62
N VAL A 129 -17.23 3.02 18.91
CA VAL A 129 -16.80 4.00 17.90
C VAL A 129 -16.41 3.26 16.64
N PRO A 130 -16.52 3.93 15.48
CA PRO A 130 -16.02 3.33 14.25
C PRO A 130 -14.53 3.01 14.33
N LEU A 131 -14.07 2.04 13.53
CA LEU A 131 -12.64 1.68 13.49
C LEU A 131 -11.69 2.89 13.37
N TYR A 132 -11.93 3.81 12.42
CA TYR A 132 -11.03 4.98 12.23
C TYR A 132 -10.87 5.83 13.49
N ARG A 133 -11.92 5.91 14.31
CA ARG A 133 -11.87 6.73 15.53
C ARG A 133 -11.02 6.04 16.58
N TYR A 134 -11.28 4.74 16.74
CA TYR A 134 -10.51 3.86 17.64
C TYR A 134 -8.98 3.88 17.34
N LEU A 135 -8.62 3.64 16.09
CA LEU A 135 -7.22 3.68 15.64
C LEU A 135 -6.56 5.07 15.81
N ALA A 136 -7.32 6.16 15.63
CA ALA A 136 -6.80 7.53 15.83
C ALA A 136 -6.47 7.79 17.30
N SER A 137 -7.25 7.22 18.22
CA SER A 137 -6.90 7.23 19.65
C SER A 137 -5.64 6.42 19.95
N LEU A 138 -5.56 5.21 19.40
CA LEU A 138 -4.37 4.38 19.50
C LEU A 138 -3.13 5.07 18.96
N ALA A 139 -3.27 5.80 17.84
CA ALA A 139 -2.14 6.51 17.20
C ALA A 139 -1.89 7.93 17.76
N GLY A 140 -2.76 8.37 18.67
CA GLY A 140 -2.73 9.72 19.20
C GLY A 140 -2.90 10.81 18.14
N THR A 141 -3.67 10.54 17.09
CA THR A 141 -3.90 11.52 16.00
C THR A 141 -4.76 12.72 16.44
N LYS A 142 -4.26 13.93 16.22
CA LYS A 142 -5.00 15.13 16.60
C LYS A 142 -6.11 15.50 15.59
N GLU A 143 -5.93 15.14 14.32
CA GLU A 143 -6.86 15.55 13.28
C GLU A 143 -7.10 14.50 12.18
N LEU A 144 -8.32 13.99 12.12
CA LEU A 144 -8.71 13.06 11.07
C LEU A 144 -8.60 13.79 9.74
N ARG A 145 -8.24 13.08 8.68
CA ARG A 145 -8.50 13.59 7.33
C ARG A 145 -8.78 12.53 6.29
N LEU A 146 -9.59 12.91 5.30
CA LEU A 146 -9.76 12.10 4.11
C LEU A 146 -8.55 12.30 3.26
N PRO A 147 -7.98 11.20 2.74
CA PRO A 147 -6.73 11.38 1.99
C PRO A 147 -6.98 11.67 0.51
N VAL A 148 -5.98 12.26 -0.15
CA VAL A 148 -5.97 12.24 -1.61
C VAL A 148 -5.57 10.81 -2.06
N PRO A 149 -6.44 10.18 -2.91
CA PRO A 149 -6.11 8.89 -3.49
C PRO A 149 -5.14 9.00 -4.67
N CYS A 150 -4.16 8.11 -4.71
CA CYS A 150 -3.17 8.05 -5.78
C CYS A 150 -3.49 6.78 -6.59
N PHE A 151 -4.08 7.02 -7.77
CA PHE A 151 -4.71 5.97 -8.57
C PHE A 151 -3.74 5.41 -9.63
N ASN A 152 -3.24 4.21 -9.41
CA ASN A 152 -2.35 3.54 -10.33
C ASN A 152 -3.09 3.12 -11.60
N VAL A 153 -3.09 4.02 -12.59
CA VAL A 153 -3.94 3.88 -13.79
C VAL A 153 -3.28 3.33 -15.07
N ILE A 154 -1.94 3.36 -15.11
CA ILE A 154 -1.21 2.54 -16.07
C ILE A 154 -0.27 1.63 -15.28
N ASN A 155 -0.45 0.31 -15.47
CA ASN A 155 0.24 -0.72 -14.65
C ASN A 155 1.43 -1.33 -15.44
N GLY A 156 2.55 -1.55 -14.77
CA GLY A 156 3.70 -2.23 -15.41
C GLY A 156 4.41 -3.08 -14.38
N GLY A 157 5.68 -3.42 -14.66
CA GLY A 157 6.44 -4.34 -13.81
C GLY A 157 5.76 -5.71 -13.64
N LYS A 158 5.83 -6.23 -12.41
CA LYS A 158 5.29 -7.54 -12.06
C LYS A 158 3.76 -7.59 -11.95
N HIS A 159 3.09 -6.43 -12.13
CA HIS A 159 1.61 -6.34 -12.02
C HIS A 159 0.87 -6.37 -13.37
N ALA A 160 1.64 -6.48 -14.47
CA ALA A 160 1.08 -6.34 -15.81
C ALA A 160 1.81 -7.09 -16.94
N GLY A 161 0.99 -7.54 -17.91
CA GLY A 161 1.40 -8.22 -19.12
C GLY A 161 1.76 -7.20 -20.19
N ASN A 162 3.01 -6.74 -20.13
CA ASN A 162 3.57 -5.77 -21.06
C ASN A 162 5.07 -5.72 -20.83
N ALA A 163 5.78 -5.03 -21.73
CA ALA A 163 7.22 -4.81 -21.58
C ALA A 163 7.59 -3.76 -20.49
N LEU A 164 6.64 -2.89 -20.12
CA LEU A 164 6.88 -1.79 -19.18
C LEU A 164 7.62 -2.21 -17.87
N PRO A 165 8.88 -1.77 -17.68
CA PRO A 165 9.66 -2.25 -16.51
C PRO A 165 9.28 -1.69 -15.14
N PHE A 166 8.84 -0.42 -15.10
CA PHE A 166 8.45 0.25 -13.86
C PHE A 166 6.97 0.05 -13.54
N GLN A 167 6.66 0.03 -12.26
CA GLN A 167 5.49 -0.66 -11.82
C GLN A 167 4.23 0.21 -11.84
N GLU A 168 4.35 1.49 -11.44
CA GLU A 168 3.13 2.27 -11.17
C GLU A 168 3.23 3.67 -11.70
N PHE A 169 2.23 4.04 -12.48
CA PHE A 169 2.08 5.42 -12.99
C PHE A 169 0.77 5.94 -12.50
N MET A 170 0.82 6.86 -11.55
CA MET A 170 -0.38 7.26 -10.81
C MET A 170 -0.84 8.68 -11.08
N ILE A 171 -2.16 8.87 -10.96
CA ILE A 171 -2.72 10.20 -10.97
C ILE A 171 -3.38 10.48 -9.62
N ALA A 172 -3.22 11.73 -9.15
CA ALA A 172 -3.69 12.11 -7.83
C ALA A 172 -4.40 13.46 -7.93
N PRO A 173 -5.73 13.50 -7.74
CA PRO A 173 -6.53 14.73 -7.84
C PRO A 173 -6.27 15.66 -6.62
N VAL A 174 -5.04 16.15 -6.54
CA VAL A 174 -4.60 16.98 -5.41
C VAL A 174 -5.37 18.29 -5.20
N LYS A 175 -6.04 18.81 -6.23
CA LYS A 175 -6.83 20.04 -6.09
C LYS A 175 -8.32 19.84 -5.85
N ALA A 176 -8.77 18.60 -5.70
CA ALA A 176 -10.12 18.38 -5.20
C ALA A 176 -10.22 18.98 -3.79
N THR A 177 -11.44 19.36 -3.41
CA THR A 177 -11.74 19.89 -2.09
C THR A 177 -12.51 18.90 -1.20
N SER A 178 -12.87 17.73 -1.76
CA SER A 178 -13.47 16.66 -0.96
C SER A 178 -13.09 15.30 -1.52
N PHE A 179 -13.14 14.25 -0.69
CA PHE A 179 -12.91 12.90 -1.17
C PHE A 179 -13.89 12.50 -2.29
N SER A 180 -15.16 12.87 -2.11
CA SER A 180 -16.20 12.68 -3.14
C SER A 180 -15.78 13.17 -4.51
N GLU A 181 -15.34 14.43 -4.58
CA GLU A 181 -14.90 15.05 -5.81
C GLU A 181 -13.61 14.38 -6.33
N ALA A 182 -12.68 14.06 -5.43
CA ALA A 182 -11.42 13.39 -5.78
C ALA A 182 -11.68 12.08 -6.52
N LEU A 183 -12.63 11.28 -5.98
CA LEU A 183 -12.96 9.94 -6.49
C LEU A 183 -13.63 10.04 -7.85
N ARG A 184 -14.59 10.94 -7.98
CA ARG A 184 -15.21 11.17 -9.25
C ARG A 184 -14.23 11.69 -10.32
N MET A 185 -13.38 12.67 -9.98
CA MET A 185 -12.36 13.16 -10.92
C MET A 185 -11.44 12.01 -11.34
N GLY A 186 -11.01 11.20 -10.37
CA GLY A 186 -10.15 10.03 -10.65
C GLY A 186 -10.80 9.08 -11.65
N SER A 187 -12.04 8.70 -11.36
CA SER A 187 -12.82 7.87 -12.26
C SER A 187 -13.01 8.48 -13.65
N GLU A 188 -13.19 9.80 -13.69
CA GLU A 188 -13.48 10.48 -14.96
C GLU A 188 -12.24 10.49 -15.89
N VAL A 189 -11.09 10.75 -15.30
CA VAL A 189 -9.81 10.71 -16.02
C VAL A 189 -9.51 9.27 -16.45
N TYR A 190 -9.79 8.29 -15.58
CA TYR A 190 -9.65 6.87 -15.90
C TYR A 190 -10.46 6.48 -17.15
N HIS A 191 -11.70 6.95 -17.22
CA HIS A 191 -12.55 6.69 -18.38
C HIS A 191 -12.02 7.37 -19.64
N SER A 192 -11.54 8.61 -19.53
CA SER A 192 -10.92 9.29 -20.70
C SER A 192 -9.64 8.56 -21.16
N LEU A 193 -8.84 8.14 -20.20
CA LEU A 193 -7.64 7.36 -20.45
C LEU A 193 -7.91 6.07 -21.27
N ARG A 194 -8.98 5.34 -20.96
CA ARG A 194 -9.33 4.15 -21.79
C ARG A 194 -9.48 4.49 -23.27
N GLY A 195 -10.16 5.59 -23.59
CA GLY A 195 -10.34 6.00 -24.97
C GLY A 195 -9.04 6.40 -25.63
N ILE A 196 -8.19 7.09 -24.87
CA ILE A 196 -6.88 7.56 -25.39
C ILE A 196 -5.96 6.36 -25.69
N ILE A 197 -5.87 5.43 -24.74
CA ILE A 197 -5.07 4.22 -24.94
C ILE A 197 -5.60 3.38 -26.12
N LYS A 198 -6.91 3.13 -26.16
CA LYS A 198 -7.48 2.36 -27.25
C LYS A 198 -7.25 2.98 -28.64
N LYS A 199 -7.31 4.30 -28.74
CA LYS A 199 -7.09 4.98 -30.03
C LYS A 199 -5.62 4.82 -30.46
N LYS A 200 -4.71 5.02 -29.50
CA LYS A 200 -3.25 4.96 -29.73
C LYS A 200 -2.69 3.55 -29.94
N TYR A 201 -3.12 2.61 -29.09
CA TYR A 201 -2.57 1.24 -29.13
C TYR A 201 -3.57 0.19 -29.61
N GLY A 202 -4.81 0.59 -29.75
CA GLY A 202 -5.82 -0.35 -30.18
C GLY A 202 -6.53 -1.02 -29.01
N GLN A 203 -7.55 -1.78 -29.38
CA GLN A 203 -8.46 -2.52 -28.51
C GLN A 203 -7.82 -3.40 -27.46
N ASP A 204 -6.79 -4.12 -27.87
CA ASP A 204 -6.12 -5.12 -27.04
C ASP A 204 -5.28 -4.47 -25.91
N ALA A 205 -5.18 -3.15 -25.96
CA ALA A 205 -4.35 -2.37 -25.01
C ALA A 205 -5.10 -1.90 -23.76
N VAL A 206 -6.41 -2.12 -23.71
CA VAL A 206 -7.27 -1.55 -22.64
C VAL A 206 -7.71 -2.54 -21.55
N ASN A 207 -7.11 -3.73 -21.58
CA ASN A 207 -7.29 -4.71 -20.52
C ASN A 207 -6.47 -4.31 -19.30
N VAL A 208 -6.78 -4.90 -18.15
CA VAL A 208 -6.23 -4.34 -16.90
C VAL A 208 -5.24 -5.22 -16.17
N GLY A 209 -4.33 -4.55 -15.46
CA GLY A 209 -3.35 -5.18 -14.61
C GLY A 209 -3.90 -5.52 -13.23
N ASP A 210 -3.01 -6.01 -12.37
CA ASP A 210 -3.38 -6.48 -11.04
C ASP A 210 -4.10 -5.42 -10.22
N GLU A 211 -3.74 -4.16 -10.42
CA GLU A 211 -4.30 -3.10 -9.60
C GLU A 211 -5.37 -2.26 -10.31
N GLY A 212 -5.86 -2.73 -11.46
CA GLY A 212 -6.97 -2.08 -12.14
C GLY A 212 -6.55 -1.05 -13.15
N GLY A 213 -5.24 -0.84 -13.27
CA GLY A 213 -4.74 0.11 -14.25
C GLY A 213 -4.71 -0.56 -15.61
N PHE A 214 -4.73 0.27 -16.66
CA PHE A 214 -4.56 -0.24 -18.00
C PHE A 214 -3.16 -0.81 -18.15
N ALA A 215 -3.06 -1.89 -18.92
CA ALA A 215 -1.79 -2.48 -19.21
C ALA A 215 -1.53 -2.42 -20.74
N PRO A 216 -1.15 -1.20 -21.23
CA PRO A 216 -0.90 -1.07 -22.65
C PRO A 216 0.43 -1.74 -23.01
N PRO A 217 0.66 -1.96 -24.33
CA PRO A 217 1.87 -2.54 -24.89
C PRO A 217 3.01 -1.50 -24.96
N ILE A 218 3.35 -0.93 -23.80
CA ILE A 218 4.36 0.13 -23.70
C ILE A 218 5.65 -0.50 -23.15
N LYS A 219 6.80 -0.17 -23.75
CA LYS A 219 8.10 -0.60 -23.24
C LYS A 219 8.81 0.54 -22.48
N ASP A 220 8.80 1.72 -23.09
CA ASP A 220 9.52 2.93 -22.64
C ASP A 220 8.94 3.57 -21.39
N ILE A 221 9.78 3.83 -20.38
CA ILE A 221 9.30 4.36 -19.06
C ILE A 221 8.81 5.83 -19.10
N ASN A 222 9.20 6.56 -20.14
CA ASN A 222 8.73 7.93 -20.34
C ASN A 222 7.37 8.03 -21.01
N GLU A 223 6.96 6.98 -21.70
CA GLU A 223 5.83 7.01 -22.63
C GLU A 223 4.45 7.21 -21.95
N PRO A 224 4.20 6.57 -20.76
CA PRO A 224 2.95 6.86 -20.05
C PRO A 224 2.67 8.32 -19.67
N LEU A 225 3.69 9.09 -19.38
CA LEU A 225 3.45 10.43 -18.82
C LEU A 225 2.63 11.40 -19.71
N PRO A 226 2.97 11.56 -21.01
CA PRO A 226 2.10 12.41 -21.84
C PRO A 226 0.64 11.92 -21.94
N ILE A 227 0.46 10.59 -21.92
CA ILE A 227 -0.85 9.96 -22.00
C ILE A 227 -1.67 10.31 -20.73
N LEU A 228 -1.02 10.35 -19.55
CA LEU A 228 -1.66 10.78 -18.33
C LEU A 228 -2.16 12.23 -18.41
N MET A 229 -1.29 13.14 -18.87
CA MET A 229 -1.64 14.57 -19.06
C MET A 229 -2.78 14.79 -20.04
N GLU A 230 -2.70 14.16 -21.21
CA GLU A 230 -3.83 14.13 -22.14
C GLU A 230 -5.18 13.65 -21.53
N ALA A 231 -5.18 12.53 -20.79
CA ALA A 231 -6.36 12.04 -20.07
C ALA A 231 -6.94 13.06 -19.08
N ILE A 232 -6.06 13.71 -18.33
CA ILE A 232 -6.43 14.70 -17.32
C ILE A 232 -7.20 15.90 -17.92
N GLU A 233 -6.65 16.38 -19.03
CA GLU A 233 -7.15 17.46 -19.83
C GLU A 233 -8.51 17.15 -20.48
N GLU A 234 -8.58 15.98 -21.14
CA GLU A 234 -9.78 15.54 -21.85
C GLU A 234 -11.00 15.35 -20.93
N ALA A 235 -10.76 14.91 -19.70
CA ALA A 235 -11.79 14.76 -18.69
C ALA A 235 -12.34 16.10 -18.16
N GLY A 236 -11.67 17.20 -18.48
CA GLY A 236 -12.05 18.53 -17.98
C GLY A 236 -11.29 18.96 -16.73
N HIS A 237 -10.24 18.22 -16.36
CA HIS A 237 -9.55 18.46 -15.09
C HIS A 237 -8.13 19.03 -15.15
N ARG A 238 -7.81 19.74 -16.24
CA ARG A 238 -6.51 20.41 -16.36
C ARG A 238 -6.19 21.21 -15.08
N GLY A 239 -4.96 21.10 -14.59
CA GLY A 239 -4.50 21.89 -13.46
C GLY A 239 -4.79 21.29 -12.08
N LYS A 240 -5.70 20.32 -12.05
CA LYS A 240 -6.24 19.71 -10.82
C LYS A 240 -5.50 18.47 -10.26
N PHE A 241 -4.60 17.90 -11.06
CA PHE A 241 -3.92 16.66 -10.75
C PHE A 241 -2.40 16.77 -10.61
N ALA A 242 -1.84 15.84 -9.86
CA ALA A 242 -0.41 15.59 -9.73
C ALA A 242 -0.13 14.15 -10.19
N ILE A 243 1.12 13.84 -10.50
CA ILE A 243 1.51 12.44 -10.83
C ILE A 243 2.35 11.81 -9.71
N CYS A 244 2.09 10.53 -9.42
CA CYS A 244 2.84 9.74 -8.44
C CYS A 244 3.40 8.56 -9.18
N MET A 245 4.65 8.25 -8.87
CA MET A 245 5.35 7.16 -9.54
C MET A 245 5.72 6.09 -8.52
N ASP A 246 5.61 4.82 -8.87
CA ASP A 246 6.33 3.80 -8.11
C ASP A 246 7.17 3.00 -9.09
N CYS A 247 8.48 3.18 -9.07
CA CYS A 247 9.33 2.44 -10.02
C CYS A 247 9.50 0.99 -9.60
N ALA A 248 9.41 0.72 -8.30
CA ALA A 248 9.74 -0.59 -7.72
C ALA A 248 11.08 -1.08 -8.29
N ALA A 249 12.12 -0.25 -8.19
CA ALA A 249 13.29 -0.44 -9.02
C ALA A 249 14.06 -1.75 -8.67
N SER A 250 13.90 -2.22 -7.44
CA SER A 250 14.48 -3.51 -6.99
C SER A 250 14.18 -4.66 -7.95
N GLU A 251 12.95 -4.71 -8.43
CA GLU A 251 12.56 -5.72 -9.43
C GLU A 251 13.36 -5.72 -10.74
N THR A 252 14.06 -4.62 -11.04
CA THR A 252 14.84 -4.51 -12.27
C THR A 252 16.34 -4.57 -11.97
N TYR A 253 16.71 -4.40 -10.70
CA TYR A 253 18.12 -4.33 -10.30
C TYR A 253 18.83 -5.68 -10.34
N ASP A 254 20.03 -5.70 -10.93
CA ASP A 254 20.90 -6.86 -10.84
C ASP A 254 22.08 -6.48 -9.98
N GLU A 255 22.18 -7.13 -8.82
CA GLU A 255 23.20 -6.85 -7.82
C GLU A 255 24.62 -7.12 -8.32
N LYS A 256 24.79 -8.18 -9.12
CA LYS A 256 26.12 -8.50 -9.64
C LYS A 256 26.64 -7.49 -10.70
N LYS A 257 25.74 -6.97 -11.53
CA LYS A 257 26.07 -6.00 -12.58
C LYS A 257 26.02 -4.56 -12.03
N GLN A 258 25.35 -4.39 -10.89
CA GLN A 258 25.09 -3.07 -10.28
C GLN A 258 24.34 -2.10 -11.21
N GLN A 259 23.41 -2.67 -11.98
CA GLN A 259 22.64 -1.91 -12.97
C GLN A 259 21.20 -2.37 -13.00
N TYR A 260 20.38 -1.57 -13.67
CA TYR A 260 18.95 -1.76 -13.76
C TYR A 260 18.56 -2.18 -15.17
N ASN A 261 17.84 -3.28 -15.28
CA ASN A 261 17.40 -3.77 -16.59
C ASN A 261 16.03 -3.19 -16.90
N LEU A 262 15.96 -2.24 -17.82
CA LEU A 262 14.66 -1.66 -18.16
C LEU A 262 13.86 -2.50 -19.16
N THR A 263 14.36 -3.69 -19.53
CA THR A 263 13.60 -4.65 -20.35
C THR A 263 13.65 -6.09 -19.82
N PHE A 264 13.53 -6.25 -18.49
CA PHE A 264 13.63 -7.56 -17.83
C PHE A 264 12.49 -8.57 -18.16
N LYS A 265 11.37 -8.06 -18.69
CA LYS A 265 10.23 -8.89 -19.13
C LYS A 265 10.27 -9.15 -20.65
N SER A 266 11.39 -8.76 -21.27
CA SER A 266 11.66 -8.89 -22.72
C SER A 266 12.86 -9.81 -22.95
N PRO A 267 12.98 -10.41 -24.16
CA PRO A 267 14.13 -11.28 -24.50
C PRO A 267 15.53 -10.63 -24.34
N GLU A 268 15.74 -9.46 -24.95
CA GLU A 268 17.01 -8.74 -24.79
C GLU A 268 16.99 -7.76 -23.59
N PRO A 269 18.13 -7.60 -22.87
CA PRO A 269 18.21 -6.76 -21.67
C PRO A 269 18.54 -5.31 -22.01
N THR A 270 18.08 -4.35 -21.21
CA THR A 270 18.45 -2.95 -21.40
C THR A 270 19.08 -2.45 -20.11
N TRP A 271 20.42 -2.51 -20.06
CA TRP A 271 21.12 -2.09 -18.86
C TRP A 271 21.31 -0.57 -18.75
N VAL A 272 21.04 -0.08 -17.54
CA VAL A 272 20.98 1.35 -17.22
C VAL A 272 21.63 1.58 -15.84
N THR A 273 22.53 2.59 -15.76
CA THR A 273 23.20 2.95 -14.47
C THR A 273 22.21 3.73 -13.63
N ALA A 274 22.51 3.90 -12.34
CA ALA A 274 21.67 4.71 -11.43
C ALA A 274 21.79 6.20 -11.80
N GLU A 275 22.96 6.60 -12.29
CA GLU A 275 23.19 8.00 -12.70
C GLU A 275 22.37 8.37 -13.97
N GLN A 276 22.07 7.36 -14.81
CA GLN A 276 21.09 7.48 -15.92
C GLN A 276 19.63 7.40 -15.46
N LEU A 277 19.40 6.81 -14.29
CA LEU A 277 18.06 6.81 -13.68
C LEU A 277 17.71 8.19 -13.08
N ARG A 278 18.68 8.79 -12.40
CA ARG A 278 18.52 10.12 -11.80
C ARG A 278 18.30 11.23 -12.86
N GLU A 279 18.93 11.07 -14.02
CA GLU A 279 18.75 12.02 -15.13
C GLU A 279 17.28 12.04 -15.52
N THR A 280 16.73 10.84 -15.70
CA THR A 280 15.32 10.60 -15.96
C THR A 280 14.38 11.16 -14.88
N TYR A 281 14.69 10.95 -13.59
CA TYR A 281 13.82 11.44 -12.51
C TYR A 281 13.79 12.96 -12.44
N CYS A 282 14.96 13.60 -12.48
CA CYS A 282 15.01 15.06 -12.47
C CYS A 282 14.24 15.65 -13.66
N LYS A 283 14.25 14.92 -14.77
CA LYS A 283 13.56 15.33 -16.00
C LYS A 283 12.04 15.17 -15.88
N TRP A 284 11.61 14.07 -15.23
CA TRP A 284 10.21 13.87 -14.86
C TRP A 284 9.67 15.05 -14.06
N ALA A 285 10.43 15.41 -13.02
CA ALA A 285 10.02 16.38 -12.03
C ALA A 285 9.92 17.79 -12.54
N HIS A 286 10.74 18.14 -13.54
CA HIS A 286 10.67 19.41 -14.19
C HIS A 286 9.55 19.41 -15.23
N ASP A 287 9.26 18.14 -15.81
CA ASP A 287 8.38 18.13 -17.02
C ASP A 287 6.92 18.03 -16.72
N TYR A 288 6.63 17.38 -15.60
CA TYR A 288 5.31 16.99 -15.20
C TYR A 288 5.08 17.39 -13.74
N PRO A 289 3.80 17.52 -13.32
CA PRO A 289 3.49 17.70 -11.91
C PRO A 289 3.70 16.36 -11.16
N ILE A 290 4.94 15.91 -11.14
CA ILE A 290 5.35 14.72 -10.41
C ILE A 290 5.71 15.11 -8.97
N VAL A 291 4.77 14.80 -8.09
CA VAL A 291 4.82 15.17 -6.66
C VAL A 291 5.36 14.10 -5.74
N SER A 292 5.37 12.85 -6.24
CA SER A 292 5.81 11.67 -5.50
C SER A 292 6.56 10.64 -6.40
N ILE A 293 7.68 10.10 -5.92
CA ILE A 293 8.37 9.01 -6.61
C ILE A 293 8.74 7.97 -5.57
N GLU A 294 8.14 6.78 -5.70
CA GLU A 294 8.38 5.69 -4.78
C GLU A 294 9.46 4.72 -5.31
N ASP A 295 10.33 4.27 -4.41
CA ASP A 295 11.36 3.25 -4.71
C ASP A 295 12.11 3.54 -6.00
N PRO A 296 12.70 4.76 -6.10
CA PRO A 296 13.38 5.12 -7.34
C PRO A 296 14.64 4.28 -7.58
N TYR A 297 15.14 3.66 -6.51
CA TYR A 297 16.32 2.82 -6.54
C TYR A 297 16.12 1.48 -5.84
N ASP A 298 17.12 0.60 -5.96
CA ASP A 298 17.19 -0.62 -5.22
C ASP A 298 17.01 -0.40 -3.71
N GLN A 299 16.33 -1.36 -3.08
CA GLN A 299 15.99 -1.38 -1.67
C GLN A 299 17.15 -1.25 -0.69
N ASP A 300 18.37 -1.54 -1.13
CA ASP A 300 19.59 -1.27 -0.32
C ASP A 300 20.46 -0.09 -0.79
N ASP A 301 20.05 0.64 -1.82
CA ASP A 301 20.79 1.82 -2.28
C ASP A 301 20.37 3.09 -1.52
N PHE A 302 20.78 3.15 -0.25
CA PHE A 302 20.56 4.32 0.62
C PHE A 302 21.20 5.59 0.03
N ALA A 303 22.33 5.43 -0.66
CA ALA A 303 23.01 6.57 -1.24
C ALA A 303 22.24 7.16 -2.44
N GLY A 304 21.69 6.30 -3.29
CA GLY A 304 20.96 6.81 -4.46
C GLY A 304 19.74 7.53 -3.93
N PHE A 305 19.09 6.89 -2.96
CA PHE A 305 17.87 7.37 -2.34
C PHE A 305 18.12 8.77 -1.79
N ALA A 306 19.14 8.90 -0.93
CA ALA A 306 19.54 10.19 -0.37
C ALA A 306 19.78 11.27 -1.43
N GLY A 307 20.63 10.97 -2.41
CA GLY A 307 20.97 11.91 -3.51
C GLY A 307 19.74 12.50 -4.18
N ILE A 308 18.81 11.64 -4.59
CA ILE A 308 17.55 12.09 -5.24
C ILE A 308 16.51 12.75 -4.31
N THR A 309 16.57 12.46 -3.02
CA THR A 309 15.70 13.09 -2.01
C THR A 309 16.09 14.58 -1.87
N GLU A 310 17.41 14.85 -1.92
CA GLU A 310 17.93 16.22 -1.81
C GLU A 310 17.82 17.03 -3.15
N ALA A 311 18.18 16.39 -4.27
CA ALA A 311 18.05 17.06 -5.58
C ALA A 311 16.59 17.43 -5.92
N LEU A 312 15.60 16.75 -5.30
CA LEU A 312 14.14 16.98 -5.51
C LEU A 312 13.36 17.53 -4.30
N LYS A 313 14.08 17.86 -3.21
CA LYS A 313 13.51 18.47 -2.00
C LYS A 313 12.56 19.63 -2.35
N GLY A 314 11.37 19.63 -1.75
CA GLY A 314 10.35 20.62 -2.04
C GLY A 314 9.49 20.40 -3.27
N LYS A 315 10.03 19.80 -4.33
CA LYS A 315 9.20 19.48 -5.52
C LYS A 315 8.47 18.11 -5.45
N THR A 316 9.17 17.11 -4.93
CA THR A 316 8.84 15.73 -5.15
C THR A 316 9.30 14.99 -3.94
N GLN A 317 8.35 14.39 -3.25
CA GLN A 317 8.64 13.48 -2.14
C GLN A 317 9.14 12.14 -2.69
N ILE A 318 10.08 11.55 -1.97
CA ILE A 318 10.67 10.26 -2.29
C ILE A 318 10.18 9.27 -1.25
N VAL A 319 9.55 8.20 -1.72
CA VAL A 319 8.87 7.27 -0.85
C VAL A 319 9.68 5.96 -0.70
N GLY A 320 10.09 5.66 0.53
CA GLY A 320 10.64 4.36 0.88
C GLY A 320 9.46 3.38 0.92
N ASP A 321 9.60 2.27 0.20
CA ASP A 321 8.65 1.16 0.31
C ASP A 321 9.43 -0.14 0.60
N ASP A 322 10.12 -0.67 -0.41
CA ASP A 322 11.04 -1.80 -0.19
C ASP A 322 12.28 -1.38 0.64
N LEU A 323 12.60 -0.09 0.59
CA LEU A 323 13.64 0.50 1.40
C LEU A 323 13.36 0.35 2.89
N THR A 324 12.17 0.77 3.29
CA THR A 324 11.77 0.93 4.70
C THR A 324 11.00 -0.25 5.26
N VAL A 325 10.30 -0.98 4.38
CA VAL A 325 9.36 -2.06 4.72
C VAL A 325 8.57 -1.90 6.03
N THR A 326 8.06 -0.68 6.26
CA THR A 326 7.19 -0.34 7.39
C THR A 326 7.80 -0.79 8.73
N ASN A 327 9.12 -0.76 8.79
CA ASN A 327 9.88 -1.32 9.88
C ASN A 327 10.69 -0.22 10.54
N THR A 328 10.46 0.02 11.85
CA THR A 328 11.24 1.08 12.58
C THR A 328 12.78 0.95 12.52
N GLU A 329 13.30 -0.27 12.39
CA GLU A 329 14.76 -0.46 12.29
C GLU A 329 15.29 0.11 10.97
N ARG A 330 14.64 -0.28 9.86
CA ARG A 330 14.99 0.18 8.53
C ARG A 330 14.69 1.67 8.35
N ILE A 331 13.61 2.14 8.99
CA ILE A 331 13.26 3.58 9.02
C ILE A 331 14.35 4.43 9.68
N LYS A 332 14.83 3.94 10.82
CA LYS A 332 15.89 4.62 11.56
C LYS A 332 17.15 4.80 10.72
N MET A 333 17.46 3.81 9.88
CA MET A 333 18.58 3.90 8.93
C MET A 333 18.25 4.89 7.82
N ALA A 334 16.99 4.93 7.39
CA ALA A 334 16.63 5.89 6.35
C ALA A 334 16.68 7.33 6.90
N ILE A 335 16.34 7.50 8.17
CA ILE A 335 16.32 8.82 8.77
C ILE A 335 17.76 9.30 8.85
N GLU A 336 18.62 8.45 9.41
CA GLU A 336 20.04 8.73 9.58
C GLU A 336 20.75 9.15 8.28
N LYS A 337 20.39 8.53 7.15
CA LYS A 337 21.05 8.84 5.87
C LYS A 337 20.24 9.82 5.01
N LYS A 338 19.18 10.40 5.60
CA LYS A 338 18.17 11.19 4.86
C LYS A 338 17.84 10.54 3.52
N ALA A 339 17.65 9.22 3.55
CA ALA A 339 17.46 8.42 2.35
C ALA A 339 16.15 8.79 1.63
N CYS A 340 15.10 9.10 2.38
CA CYS A 340 13.78 9.45 1.83
C CYS A 340 13.03 10.35 2.80
N ASN A 341 11.84 10.80 2.39
CA ASN A 341 11.06 11.75 3.19
C ASN A 341 9.58 11.38 3.24
N SER A 342 9.28 10.15 2.83
CA SER A 342 7.90 9.61 2.85
C SER A 342 7.95 8.09 3.08
N LEU A 343 7.02 7.58 3.91
CA LEU A 343 6.84 6.15 4.19
C LEU A 343 5.61 5.59 3.44
N LEU A 344 5.84 4.54 2.65
CA LEU A 344 4.76 3.68 2.23
C LEU A 344 4.45 2.70 3.37
N LEU A 345 3.29 2.88 3.99
CA LEU A 345 2.89 2.09 5.16
C LEU A 345 2.04 0.91 4.67
N LYS A 346 2.58 -0.29 4.85
CA LYS A 346 1.99 -1.58 4.48
C LYS A 346 1.97 -2.40 5.76
N ILE A 347 0.79 -2.50 6.35
CA ILE A 347 0.64 -3.25 7.62
C ILE A 347 1.27 -4.68 7.62
N ASN A 348 1.22 -5.36 6.47
CA ASN A 348 1.69 -6.74 6.29
C ASN A 348 3.17 -6.82 5.93
N GLN A 349 3.83 -5.67 5.77
CA GLN A 349 5.31 -5.62 5.70
C GLN A 349 5.89 -5.77 7.11
N ILE A 350 5.10 -5.44 8.13
CA ILE A 350 5.59 -5.52 9.51
C ILE A 350 4.81 -6.57 10.36
N GLY A 351 3.48 -6.62 10.19
CA GLY A 351 2.71 -7.76 10.71
C GLY A 351 1.91 -7.51 12.01
N THR A 352 2.06 -6.35 12.66
CA THR A 352 1.10 -5.97 13.73
C THR A 352 0.57 -4.57 13.53
N ILE A 353 -0.61 -4.28 14.06
CA ILE A 353 -1.15 -2.94 13.98
C ILE A 353 -0.28 -2.02 14.82
N SER A 354 0.15 -2.48 16.00
CA SER A 354 0.95 -1.64 16.91
C SER A 354 2.27 -1.13 16.31
N GLU A 355 2.91 -2.02 15.56
CA GLU A 355 4.18 -1.72 14.89
C GLU A 355 4.02 -0.77 13.72
N ALA A 356 2.97 -1.00 12.93
CA ALA A 356 2.63 -0.16 11.79
C ALA A 356 2.35 1.26 12.26
N ILE A 357 1.54 1.40 13.31
CA ILE A 357 1.32 2.72 14.00
C ILE A 357 2.61 3.36 14.54
N ALA A 358 3.46 2.60 15.23
CA ALA A 358 4.76 3.12 15.68
C ALA A 358 5.62 3.65 14.51
N SER A 359 5.63 2.92 13.40
CA SER A 359 6.29 3.34 12.15
C SER A 359 5.78 4.67 11.64
N SER A 360 4.45 4.86 11.61
CA SER A 360 3.80 6.11 11.17
C SER A 360 4.21 7.29 12.08
N LYS A 361 4.16 7.10 13.40
CA LYS A 361 4.49 8.14 14.38
C LYS A 361 5.96 8.48 14.30
N LEU A 362 6.83 7.47 14.20
CA LEU A 362 8.26 7.75 14.00
C LEU A 362 8.50 8.62 12.77
N CYS A 363 7.91 8.26 11.64
CA CYS A 363 8.16 8.97 10.40
C CYS A 363 7.59 10.39 10.40
N MET A 364 6.41 10.57 10.99
CA MET A 364 5.78 11.88 11.02
C MET A 364 6.44 12.81 12.03
N GLU A 365 6.97 12.25 13.12
CA GLU A 365 7.80 12.99 14.09
C GLU A 365 9.12 13.48 13.53
N ASN A 366 9.62 12.79 12.52
CA ASN A 366 10.84 13.21 11.85
C ASN A 366 10.57 14.00 10.57
N GLY A 367 9.30 14.25 10.28
CA GLY A 367 8.90 15.19 9.24
C GLY A 367 8.51 14.63 7.89
N TRP A 368 8.49 13.29 7.79
CA TRP A 368 8.06 12.61 6.58
C TRP A 368 6.54 12.60 6.45
N SER A 369 6.10 12.34 5.21
CA SER A 369 4.73 11.99 4.97
C SER A 369 4.57 10.47 5.05
N VAL A 370 3.31 10.07 5.11
CA VAL A 370 2.93 8.68 5.20
C VAL A 370 1.79 8.47 4.21
N MET A 371 2.02 7.54 3.28
CA MET A 371 1.06 7.10 2.32
C MET A 371 0.70 5.66 2.68
N VAL A 372 -0.50 5.49 3.18
CA VAL A 372 -0.99 4.20 3.51
C VAL A 372 -1.17 3.48 2.20
N SER A 373 -0.80 2.19 2.17
CA SER A 373 -0.88 1.40 0.93
C SER A 373 -1.56 0.02 1.03
N HIS A 374 -2.23 -0.32 -0.07
CA HIS A 374 -2.60 -1.71 -0.39
C HIS A 374 -1.38 -2.56 -0.77
N ARG A 375 -1.62 -3.84 -1.06
CA ARG A 375 -0.70 -4.70 -1.77
C ARG A 375 -1.27 -5.01 -3.13
N SER A 376 -0.47 -5.54 -4.04
CA SER A 376 -1.03 -5.83 -5.37
C SER A 376 -1.98 -7.02 -5.34
N GLY A 377 -1.83 -7.89 -4.36
CA GLY A 377 -2.80 -8.98 -4.14
C GLY A 377 -3.69 -8.50 -3.01
N GLU A 378 -4.90 -8.10 -3.33
CA GLU A 378 -5.76 -7.52 -2.30
C GLU A 378 -6.97 -8.40 -2.04
N THR A 379 -7.74 -8.04 -1.03
CA THR A 379 -9.03 -8.65 -0.79
C THR A 379 -10.16 -7.61 -0.68
N GLU A 380 -11.39 -8.10 -0.44
CA GLU A 380 -12.55 -7.25 -0.09
C GLU A 380 -12.39 -6.48 1.25
N ASP A 381 -11.29 -6.72 1.95
CA ASP A 381 -11.02 -6.07 3.24
C ASP A 381 -10.81 -4.59 2.95
N THR A 382 -11.26 -3.75 3.89
CA THR A 382 -11.18 -2.30 3.77
C THR A 382 -10.46 -1.60 4.93
N TYR A 383 -9.77 -2.38 5.77
CA TYR A 383 -9.03 -1.83 6.92
C TYR A 383 -8.24 -0.54 6.60
N ILE A 384 -7.50 -0.55 5.48
CA ILE A 384 -6.58 0.58 5.19
C ILE A 384 -7.34 1.88 4.94
N ALA A 385 -8.61 1.80 4.52
CA ALA A 385 -9.43 3.00 4.51
C ALA A 385 -9.59 3.67 5.90
N ASP A 386 -10.04 2.91 6.90
CA ASP A 386 -10.10 3.44 8.26
C ASP A 386 -8.72 3.82 8.77
N LEU A 387 -7.70 3.00 8.48
CA LEU A 387 -6.33 3.27 8.90
C LEU A 387 -5.77 4.62 8.38
N VAL A 388 -5.87 4.91 7.09
CA VAL A 388 -5.36 6.20 6.60
C VAL A 388 -6.07 7.44 7.21
N VAL A 389 -7.38 7.32 7.41
CA VAL A 389 -8.17 8.38 8.05
C VAL A 389 -7.70 8.56 9.49
N ALA A 390 -7.51 7.45 10.20
CA ALA A 390 -7.13 7.44 11.63
C ALA A 390 -5.75 8.07 11.85
N LEU A 391 -4.84 7.84 10.91
CA LEU A 391 -3.47 8.38 10.93
C LEU A 391 -3.36 9.82 10.45
N GLY A 392 -4.42 10.31 9.82
CA GLY A 392 -4.52 11.72 9.44
C GLY A 392 -3.50 12.13 8.43
N SER A 393 -3.03 11.19 7.61
CA SER A 393 -1.84 11.45 6.77
C SER A 393 -2.11 12.18 5.42
N GLY A 394 -3.34 12.09 4.91
CA GLY A 394 -3.68 12.82 3.69
C GLY A 394 -3.30 12.10 2.40
N GLN A 395 -2.69 10.93 2.50
CA GLN A 395 -2.25 10.15 1.29
C GLN A 395 -2.59 8.64 1.37
N ILE A 396 -3.20 8.11 0.33
CA ILE A 396 -3.46 6.65 0.21
C ILE A 396 -3.23 6.26 -1.24
N LYS A 397 -2.53 5.15 -1.45
CA LYS A 397 -2.69 4.51 -2.72
C LYS A 397 -3.37 3.17 -2.51
N THR A 398 -4.42 2.96 -3.27
CA THR A 398 -5.18 1.76 -3.11
C THR A 398 -5.73 1.24 -4.44
N GLY A 399 -5.10 1.67 -5.54
CA GLY A 399 -5.41 1.16 -6.86
C GLY A 399 -6.04 2.15 -7.82
N ALA A 400 -6.13 1.78 -9.10
CA ALA A 400 -7.05 2.48 -10.05
C ALA A 400 -8.49 2.45 -9.49
N PRO A 401 -9.36 3.36 -9.96
CA PRO A 401 -10.76 3.22 -9.54
C PRO A 401 -11.44 2.10 -10.33
N CYS A 402 -10.97 0.87 -10.17
CA CYS A 402 -11.38 -0.25 -11.00
C CYS A 402 -10.90 -1.48 -10.27
N ARG A 403 -11.74 -2.54 -10.26
CA ARG A 403 -11.56 -3.81 -9.54
C ARG A 403 -12.01 -3.66 -8.11
N GLY A 404 -12.97 -4.51 -7.73
CA GLY A 404 -13.58 -4.43 -6.37
C GLY A 404 -12.64 -4.44 -5.16
N GLU A 405 -11.44 -5.00 -5.28
CA GLU A 405 -10.57 -5.06 -4.14
C GLU A 405 -9.89 -3.68 -3.99
N ARG A 406 -10.05 -2.82 -5.01
CA ARG A 406 -9.57 -1.43 -4.94
C ARG A 406 -10.77 -0.54 -4.62
N THR A 407 -11.87 -0.71 -5.36
CA THR A 407 -13.05 0.12 -5.16
C THR A 407 -13.67 -0.09 -3.76
N ALA A 408 -13.52 -1.29 -3.16
CA ALA A 408 -14.01 -1.48 -1.78
C ALA A 408 -13.42 -0.46 -0.80
N LYS A 409 -12.14 -0.12 -0.96
CA LYS A 409 -11.44 0.86 -0.09
C LYS A 409 -11.91 2.27 -0.36
N LEU A 410 -12.03 2.63 -1.63
CA LEU A 410 -12.54 3.93 -2.03
C LEU A 410 -13.96 4.15 -1.54
N ASN A 411 -14.80 3.13 -1.67
CA ASN A 411 -16.18 3.22 -1.17
C ASN A 411 -16.24 3.35 0.33
N GLN A 412 -15.36 2.65 1.05
CA GLN A 412 -15.28 2.79 2.52
C GLN A 412 -14.89 4.23 2.92
N LEU A 413 -13.98 4.81 2.14
CA LEU A 413 -13.62 6.24 2.29
C LEU A 413 -14.81 7.16 2.04
N LEU A 414 -15.65 6.87 1.04
CA LEU A 414 -16.93 7.63 0.89
C LEU A 414 -17.80 7.55 2.17
N ARG A 415 -17.90 6.36 2.77
CA ARG A 415 -18.71 6.18 3.99
C ARG A 415 -18.18 6.96 5.18
N ILE A 416 -16.85 6.97 5.36
CA ILE A 416 -16.19 7.68 6.43
C ILE A 416 -16.39 9.17 6.23
N GLU A 417 -16.12 9.64 5.00
CA GLU A 417 -16.42 11.01 4.60
C GLU A 417 -17.80 11.50 5.04
N GLU A 418 -18.80 10.71 4.70
CA GLU A 418 -20.20 11.04 5.00
C GLU A 418 -20.46 11.13 6.53
N GLU A 419 -19.79 10.26 7.28
CA GLU A 419 -19.91 10.24 8.74
C GLU A 419 -19.33 11.47 9.40
N LEU A 420 -18.20 11.94 8.85
CA LEU A 420 -17.45 13.10 9.36
C LEU A 420 -18.00 14.51 8.99
N GLY A 421 -18.88 14.55 7.99
CA GLY A 421 -19.52 15.80 7.54
C GLY A 421 -18.66 16.80 6.75
N ALA A 422 -19.28 17.88 6.27
CA ALA A 422 -18.64 18.78 5.27
C ALA A 422 -17.44 19.57 5.85
N HIS A 423 -17.38 19.66 7.19
CA HIS A 423 -16.24 20.23 7.93
C HIS A 423 -14.98 19.32 7.98
N ALA A 424 -15.13 18.04 7.63
CA ALA A 424 -14.01 17.08 7.55
C ALA A 424 -12.92 17.56 6.60
N LYS A 425 -11.65 17.42 7.02
CA LYS A 425 -10.52 17.88 6.22
C LYS A 425 -10.23 16.88 5.10
N PHE A 426 -9.91 17.39 3.90
CA PHE A 426 -9.50 16.57 2.76
C PHE A 426 -8.13 16.93 2.25
N GLY A 427 -7.31 15.92 1.95
CA GLY A 427 -6.18 16.10 1.04
C GLY A 427 -4.86 16.16 1.76
N PHE A 428 -3.79 16.27 0.98
CA PHE A 428 -2.48 16.45 1.57
C PHE A 428 -2.17 17.95 1.56
N PRO A 429 -2.12 18.59 2.74
CA PRO A 429 -1.94 20.03 2.60
C PRO A 429 -0.78 20.48 1.67
N GLY A 430 0.34 19.78 1.63
CA GLY A 430 1.50 20.25 0.84
C GLY A 430 1.30 20.23 -0.66
N TRP A 431 0.27 19.47 -1.11
CA TRP A 431 -0.11 19.33 -2.52
C TRP A 431 -1.32 20.17 -2.93
N SER A 432 -2.12 20.58 -1.95
CA SER A 432 -3.32 21.36 -2.23
C SER A 432 -3.02 22.79 -2.72
ZN ZN B . 6.01 0.03 -3.99
ZN ZN C . 6.36 -3.95 -4.15
C1 PEP D . 3.96 -1.62 -4.20
O1 PEP D . 3.87 -0.50 -3.66
O2' PEP D . 5.07 -2.01 -4.66
C2 PEP D . 2.69 -2.46 -4.20
C3 PEP D . 1.42 -1.71 -4.61
O2 PEP D . 2.94 -3.66 -4.93
P PEP D . 3.16 -5.10 -4.19
O1P PEP D . 4.45 -4.86 -3.50
O2P PEP D . 3.22 -6.05 -5.35
O3P PEP D . 1.97 -5.26 -3.30
C1 EDO E . -17.88 3.84 7.92
O1 EDO E . -17.39 4.11 9.24
C2 EDO E . -18.88 2.68 7.98
O2 EDO E . -18.12 1.45 7.95
#